data_6QOT
#
_entry.id   6QOT
#
_cell.length_a   75.291
_cell.length_b   78.925
_cell.length_c   87.458
_cell.angle_alpha   90.000
_cell.angle_beta   90.000
_cell.angle_gamma   90.000
#
_symmetry.space_group_name_H-M   'P 21 21 21'
#
loop_
_entity.id
_entity.type
_entity.pdbx_description
1 polymer 'tRNA (guanine-N(1)-)-methyltransferase'
2 non-polymer 3-(4-methoxyphenyl)-1~{H}-pyrazol-5-amine
3 non-polymer 1,2-ETHANEDIOL
4 water water
#
_entity_poly.entity_id   1
_entity_poly.type   'polypeptide(L)'
_entity_poly.pdbx_seq_one_letter_code
;GSMKIDVVTIFPEYLQPVRQSLPGKAIDAGLVDVAVHDLRRWTHDVHKSVDDSPYGGGPGMVMKPTVWGDALDEICTSET
LLVVPTPAGYPFTQETAWQWSTEDHLVIACGRYEGIDQRVADDAATRMRVREVSIGDYVLNGGEAAALVIIEAVLRLVPG
VLGNALSAQEDSHSEGMASLLEGPSYTRPPSWRGMDVPPVLLSGDHAKIAAWRAEQSRQRTIERRPDLLGFDSPTGEHGG
DGLS
;
_entity_poly.pdbx_strand_id   A,B
#
# COMPACT_ATOMS: atom_id res chain seq x y z
N SER A 2 -15.78 -16.07 9.02
CA SER A 2 -16.05 -16.50 7.65
C SER A 2 -16.18 -15.29 6.71
N MET A 3 -15.14 -15.02 5.93
CA MET A 3 -15.19 -13.93 4.98
C MET A 3 -14.89 -14.38 3.56
N LYS A 4 -15.69 -13.87 2.62
CA LYS A 4 -15.41 -14.01 1.18
C LYS A 4 -14.91 -12.69 0.61
N ILE A 5 -13.81 -12.73 -0.15
CA ILE A 5 -13.34 -11.55 -0.87
C ILE A 5 -13.27 -11.83 -2.37
N ASP A 6 -13.95 -11.00 -3.17
CA ASP A 6 -13.83 -11.05 -4.62
C ASP A 6 -13.10 -9.82 -5.11
N VAL A 7 -12.09 -10.01 -5.96
CA VAL A 7 -11.38 -8.87 -6.54
C VAL A 7 -11.60 -8.86 -8.04
N VAL A 8 -11.90 -7.68 -8.60
CA VAL A 8 -12.12 -7.54 -10.06
C VAL A 8 -11.07 -6.60 -10.67
N THR A 9 -10.38 -7.04 -11.74
CA THR A 9 -9.18 -6.35 -12.22
C THR A 9 -8.88 -6.76 -13.67
N ILE A 10 -8.23 -5.89 -14.45
CA ILE A 10 -7.75 -6.35 -15.76
C ILE A 10 -6.38 -7.00 -15.68
N PHE A 11 -5.79 -7.04 -14.49
CA PHE A 11 -4.52 -7.72 -14.26
C PHE A 11 -4.60 -8.76 -13.15
N PRO A 12 -5.35 -9.85 -13.37
CA PRO A 12 -5.54 -10.85 -12.29
C PRO A 12 -4.25 -11.44 -11.70
N GLU A 13 -3.18 -11.53 -12.49
CA GLU A 13 -1.95 -12.11 -11.96
C GLU A 13 -1.31 -11.24 -10.87
N TYR A 14 -1.69 -9.97 -10.79
CA TYR A 14 -1.12 -9.06 -9.78
C TYR A 14 -1.56 -9.44 -8.37
N LEU A 15 -2.66 -10.18 -8.27
CA LEU A 15 -3.22 -10.55 -6.98
C LEU A 15 -2.70 -11.92 -6.53
N GLN A 16 -1.73 -12.43 -7.28
CA GLN A 16 -1.05 -13.69 -6.95
C GLN A 16 -0.55 -13.82 -5.49
N PRO A 17 0.08 -12.76 -4.94
CA PRO A 17 0.57 -12.91 -3.56
C PRO A 17 -0.50 -13.21 -2.51
N VAL A 18 -1.73 -12.78 -2.76
CA VAL A 18 -2.79 -13.00 -1.78
C VAL A 18 -3.05 -14.49 -1.57
N ARG A 19 -3.37 -15.20 -2.64
CA ARG A 19 -3.66 -16.63 -2.54
C ARG A 19 -2.46 -17.41 -2.00
N GLN A 20 -1.27 -16.89 -2.28
CA GLN A 20 -0.02 -17.54 -1.87
C GLN A 20 0.25 -17.34 -0.36
N SER A 21 -0.28 -16.25 0.20
CA SER A 21 -0.04 -15.95 1.60
C SER A 21 -1.07 -16.59 2.53
N LEU A 22 -2.12 -17.21 1.97
CA LEU A 22 -3.17 -17.82 2.76
C LEU A 22 -2.81 -19.24 3.22
N PRO A 23 -2.79 -19.47 4.53
CA PRO A 23 -2.54 -20.79 5.13
C PRO A 23 -3.69 -21.76 4.82
N GLY A 24 -3.34 -23.02 4.58
CA GLY A 24 -4.33 -24.02 4.22
C GLY A 24 -5.35 -24.29 5.31
N LYS A 25 -4.90 -24.19 6.56
CA LYS A 25 -5.74 -24.45 7.73
C LYS A 25 -6.96 -23.53 7.79
N ALA A 26 -6.77 -22.27 7.43
CA ALA A 26 -7.86 -21.28 7.45
C ALA A 26 -8.84 -21.51 6.29
N ILE A 27 -8.30 -21.93 5.14
CA ILE A 27 -9.14 -22.23 3.98
C ILE A 27 -9.96 -23.51 4.26
N ASP A 28 -9.27 -24.53 4.74
CA ASP A 28 -9.91 -25.79 5.10
C ASP A 28 -10.97 -25.62 6.18
N ALA A 29 -10.72 -24.72 7.13
CA ALA A 29 -11.68 -24.43 8.18
C ALA A 29 -12.83 -23.54 7.69
N GLY A 30 -12.70 -23.03 6.47
CA GLY A 30 -13.73 -22.19 5.88
C GLY A 30 -13.81 -20.81 6.49
N LEU A 31 -12.68 -20.29 6.95
CA LEU A 31 -12.62 -18.97 7.55
C LEU A 31 -12.53 -17.89 6.49
N VAL A 32 -11.98 -18.25 5.33
CA VAL A 32 -11.71 -17.26 4.30
C VAL A 32 -11.67 -17.88 2.91
N ASP A 33 -12.07 -17.08 1.91
CA ASP A 33 -11.99 -17.46 0.51
C ASP A 33 -11.75 -16.19 -0.31
N VAL A 34 -10.65 -16.16 -1.06
CA VAL A 34 -10.35 -15.03 -1.94
C VAL A 34 -10.39 -15.48 -3.39
N ALA A 35 -11.17 -14.79 -4.21
CA ALA A 35 -11.31 -15.13 -5.63
C ALA A 35 -10.99 -13.90 -6.48
N VAL A 36 -10.30 -14.10 -7.59
CA VAL A 36 -9.89 -13.00 -8.47
C VAL A 36 -10.51 -13.18 -9.85
N HIS A 37 -11.08 -12.10 -10.39
CA HIS A 37 -11.82 -12.15 -11.65
C HIS A 37 -11.24 -11.18 -12.67
N ASP A 38 -11.04 -11.66 -13.90
CA ASP A 38 -10.65 -10.79 -15.03
C ASP A 38 -11.84 -9.97 -15.52
N LEU A 39 -11.76 -8.63 -15.41
CA LEU A 39 -12.84 -7.75 -15.85
C LEU A 39 -13.25 -7.98 -17.30
N ARG A 40 -12.32 -8.43 -18.15
CA ARG A 40 -12.63 -8.58 -19.58
C ARG A 40 -13.63 -9.71 -19.85
N ARG A 41 -13.91 -10.53 -18.84
CA ARG A 41 -14.98 -11.54 -18.93
C ARG A 41 -16.36 -10.91 -19.22
N TRP A 42 -16.50 -9.64 -18.85
CA TRP A 42 -17.78 -8.93 -18.99
C TRP A 42 -17.78 -7.86 -20.11
N THR A 43 -16.79 -7.90 -21.00
CA THR A 43 -16.81 -6.99 -22.16
C THR A 43 -17.84 -7.45 -23.23
N HIS A 44 -18.25 -6.52 -24.10
CA HIS A 44 -19.34 -6.79 -25.05
C HIS A 44 -18.89 -6.97 -26.49
N ASP A 45 -17.65 -6.60 -26.78
CA ASP A 45 -17.19 -6.52 -28.16
C ASP A 45 -16.00 -7.43 -28.42
N VAL A 46 -15.72 -7.67 -29.71
CA VAL A 46 -14.67 -8.60 -30.09
C VAL A 46 -13.29 -8.06 -29.68
N HIS A 47 -13.18 -6.75 -29.47
CA HIS A 47 -11.89 -6.16 -29.07
C HIS A 47 -11.70 -6.11 -27.55
N LYS A 48 -12.68 -6.62 -26.80
CA LYS A 48 -12.64 -6.68 -25.33
C LYS A 48 -12.31 -5.32 -24.70
N SER A 49 -13.06 -4.30 -25.11
CA SER A 49 -12.80 -2.92 -24.66
C SER A 49 -13.27 -2.64 -23.24
N VAL A 50 -12.38 -2.05 -22.43
CA VAL A 50 -12.75 -1.67 -21.05
C VAL A 50 -12.67 -0.16 -20.79
N ASP A 51 -12.19 0.60 -21.79
CA ASP A 51 -11.98 2.04 -21.65
C ASP A 51 -12.53 2.85 -22.84
N ASP A 52 -12.68 4.16 -22.65
CA ASP A 52 -13.22 5.06 -23.68
C ASP A 52 -12.85 6.51 -23.32
N SER A 53 -13.01 7.45 -24.24
CA SER A 53 -12.57 8.84 -24.02
C SER A 53 -13.43 9.59 -22.98
N PRO A 54 -12.80 10.51 -22.21
CA PRO A 54 -13.55 11.23 -21.16
C PRO A 54 -14.47 12.34 -21.69
N TYR A 55 -15.71 12.37 -21.24
CA TYR A 55 -16.60 13.51 -21.53
C TYR A 55 -16.02 14.79 -20.92
N GLY A 56 -16.03 15.87 -21.71
CA GLY A 56 -15.53 17.16 -21.27
C GLY A 56 -14.04 17.31 -21.54
N GLY A 57 -13.45 16.27 -22.11
CA GLY A 57 -12.05 16.30 -22.45
C GLY A 57 -11.11 15.95 -21.32
N GLY A 58 -9.83 15.95 -21.62
CA GLY A 58 -8.81 15.61 -20.65
C GLY A 58 -7.88 14.52 -21.14
N PRO A 59 -6.80 14.27 -20.38
CA PRO A 59 -5.83 13.24 -20.73
C PRO A 59 -6.30 11.86 -20.31
N GLY A 60 -5.75 10.83 -20.94
CA GLY A 60 -6.07 9.46 -20.57
C GLY A 60 -7.46 9.04 -20.96
N MET A 61 -7.92 7.94 -20.36
CA MET A 61 -9.21 7.33 -20.69
C MET A 61 -9.97 7.01 -19.41
N VAL A 62 -11.25 6.67 -19.55
CA VAL A 62 -12.13 6.37 -18.42
C VAL A 62 -12.69 4.96 -18.59
N MET A 63 -12.80 4.18 -17.51
CA MET A 63 -13.34 2.82 -17.66
C MET A 63 -14.86 2.84 -17.86
N LYS A 64 -15.32 1.99 -18.78
CA LYS A 64 -16.72 1.96 -19.24
C LYS A 64 -17.71 1.49 -18.18
N PRO A 65 -18.83 2.20 -18.01
CA PRO A 65 -19.83 1.81 -17.02
C PRO A 65 -20.58 0.53 -17.39
N THR A 66 -20.79 0.27 -18.68
CA THR A 66 -21.56 -0.93 -19.06
C THR A 66 -20.83 -2.22 -18.67
N VAL A 67 -19.52 -2.27 -18.85
CA VAL A 67 -18.73 -3.45 -18.48
C VAL A 67 -18.72 -3.65 -16.96
N TRP A 68 -18.39 -2.61 -16.21
CA TRP A 68 -18.36 -2.69 -14.75
C TRP A 68 -19.72 -3.01 -14.16
N GLY A 69 -20.78 -2.44 -14.74
CA GLY A 69 -22.13 -2.68 -14.26
C GLY A 69 -22.52 -4.15 -14.36
N ASP A 70 -22.17 -4.80 -15.46
CA ASP A 70 -22.46 -6.22 -15.60
C ASP A 70 -21.63 -7.06 -14.63
N ALA A 71 -20.36 -6.70 -14.42
CA ALA A 71 -19.50 -7.48 -13.52
C ALA A 71 -20.03 -7.43 -12.08
N LEU A 72 -20.36 -6.23 -11.60
CA LEU A 72 -20.86 -6.08 -10.23
C LEU A 72 -22.26 -6.66 -10.05
N ASP A 73 -23.11 -6.59 -11.08
CA ASP A 73 -24.41 -7.26 -11.02
C ASP A 73 -24.27 -8.76 -10.72
N GLU A 74 -23.26 -9.40 -11.31
CA GLU A 74 -23.10 -10.84 -11.15
C GLU A 74 -22.47 -11.19 -9.80
N ILE A 75 -21.51 -10.38 -9.37
CA ILE A 75 -20.69 -10.71 -8.20
C ILE A 75 -21.28 -10.22 -6.87
N CYS A 76 -21.90 -9.05 -6.89
CA CYS A 76 -22.37 -8.45 -5.63
C CYS A 76 -23.77 -8.92 -5.23
N THR A 77 -24.05 -8.88 -3.93
CA THR A 77 -25.41 -9.05 -3.43
C THR A 77 -25.73 -7.87 -2.50
N SER A 78 -26.93 -7.90 -1.92
CA SER A 78 -27.33 -6.83 -1.02
C SER A 78 -26.46 -6.76 0.24
N GLU A 79 -25.77 -7.86 0.58
CA GLU A 79 -24.96 -7.86 1.80
C GLU A 79 -23.50 -7.45 1.55
N THR A 80 -23.14 -7.21 0.29
CA THR A 80 -21.79 -6.82 -0.09
C THR A 80 -21.37 -5.44 0.37
N LEU A 81 -20.11 -5.34 0.84
CA LEU A 81 -19.41 -4.07 0.99
C LEU A 81 -18.48 -3.88 -0.21
N LEU A 82 -18.83 -2.93 -1.09
CA LEU A 82 -18.04 -2.67 -2.30
C LEU A 82 -16.96 -1.64 -1.99
N VAL A 83 -15.70 -2.06 -2.16
CA VAL A 83 -14.52 -1.23 -1.88
C VAL A 83 -13.89 -0.76 -3.19
N VAL A 84 -13.73 0.56 -3.36
CA VAL A 84 -13.15 1.12 -4.58
C VAL A 84 -11.91 1.99 -4.25
N PRO A 85 -10.70 1.43 -4.44
CA PRO A 85 -9.51 2.26 -4.17
C PRO A 85 -9.37 3.42 -5.16
N THR A 86 -8.99 4.60 -4.68
CA THR A 86 -8.88 5.78 -5.52
C THR A 86 -8.10 6.85 -4.75
N PRO A 87 -7.25 7.63 -5.43
CA PRO A 87 -6.53 8.72 -4.73
C PRO A 87 -7.48 9.75 -4.15
N ALA A 88 -8.71 9.82 -4.68
CA ALA A 88 -9.70 10.77 -4.20
C ALA A 88 -10.61 10.21 -3.09
N GLY A 89 -10.22 9.08 -2.48
CA GLY A 89 -11.09 8.45 -1.50
C GLY A 89 -10.97 8.99 -0.06
N TYR A 90 -11.89 8.55 0.79
CA TYR A 90 -11.74 8.74 2.23
C TYR A 90 -10.53 7.93 2.69
N PRO A 91 -9.83 8.36 3.75
CA PRO A 91 -8.65 7.61 4.19
C PRO A 91 -8.96 6.23 4.75
N PHE A 92 -8.25 5.21 4.27
CA PHE A 92 -8.25 3.87 4.85
C PHE A 92 -7.26 3.84 6.01
N THR A 93 -7.74 3.56 7.22
CA THR A 93 -6.90 3.52 8.42
C THR A 93 -7.05 2.20 9.17
N GLN A 94 -6.30 2.05 10.26
CA GLN A 94 -6.42 0.86 11.09
C GLN A 94 -7.84 0.69 11.64
N GLU A 95 -8.54 1.80 11.93
CA GLU A 95 -9.91 1.67 12.41
C GLU A 95 -10.81 1.10 11.29
N THR A 96 -10.55 1.51 10.05
CA THR A 96 -11.29 0.96 8.91
C THR A 96 -11.05 -0.56 8.80
N ALA A 97 -9.79 -0.97 8.92
CA ALA A 97 -9.45 -2.39 8.83
C ALA A 97 -10.19 -3.22 9.89
N TRP A 98 -10.24 -2.72 11.13
CA TRP A 98 -10.98 -3.41 12.20
C TRP A 98 -12.47 -3.51 11.87
N GLN A 99 -13.05 -2.42 11.38
CA GLN A 99 -14.47 -2.43 10.99
C GLN A 99 -14.74 -3.46 9.89
N TRP A 100 -13.92 -3.47 8.85
CA TRP A 100 -14.17 -4.38 7.72
C TRP A 100 -13.87 -5.85 8.04
N SER A 101 -13.11 -6.11 9.11
CA SER A 101 -12.71 -7.48 9.44
C SER A 101 -13.85 -8.41 9.88
N THR A 102 -15.02 -7.85 10.17
CA THR A 102 -16.17 -8.66 10.55
C THR A 102 -17.22 -8.75 9.45
N GLU A 103 -16.91 -8.21 8.27
CA GLU A 103 -17.82 -8.29 7.12
C GLU A 103 -17.89 -9.69 6.54
N ASP A 104 -19.04 -10.05 5.99
CA ASP A 104 -19.21 -11.36 5.35
C ASP A 104 -18.68 -11.40 3.91
N HIS A 105 -18.74 -10.27 3.20
CA HIS A 105 -18.42 -10.22 1.78
C HIS A 105 -17.85 -8.87 1.36
N LEU A 106 -16.56 -8.83 1.04
CA LEU A 106 -15.96 -7.64 0.44
C LEU A 106 -15.77 -7.86 -1.06
N VAL A 107 -16.10 -6.86 -1.88
CA VAL A 107 -15.77 -6.88 -3.31
C VAL A 107 -14.90 -5.67 -3.59
N ILE A 108 -13.70 -5.92 -4.14
CA ILE A 108 -12.77 -4.83 -4.42
C ILE A 108 -12.67 -4.58 -5.93
N ALA A 109 -13.07 -3.38 -6.33
CA ALA A 109 -13.07 -3.00 -7.75
C ALA A 109 -11.81 -2.21 -8.07
N CYS A 110 -10.91 -2.82 -8.84
CA CYS A 110 -9.62 -2.20 -9.18
C CYS A 110 -9.66 -1.40 -10.49
N GLY A 111 -9.45 -0.08 -10.38
CA GLY A 111 -9.39 0.75 -11.56
C GLY A 111 -8.04 0.81 -12.24
N ARG A 112 -8.05 1.22 -13.51
CA ARG A 112 -6.86 1.51 -14.33
C ARG A 112 -7.20 2.75 -15.19
N TYR A 113 -6.27 3.17 -16.05
CA TYR A 113 -6.45 4.42 -16.81
C TYR A 113 -6.70 5.57 -15.83
N GLU A 114 -7.66 6.46 -16.12
CA GLU A 114 -7.90 7.61 -15.23
C GLU A 114 -8.96 7.38 -14.15
N GLY A 115 -9.57 6.19 -14.14
CA GLY A 115 -10.57 5.86 -13.13
C GLY A 115 -11.83 5.27 -13.73
N ILE A 116 -12.83 4.99 -12.88
CA ILE A 116 -14.08 4.34 -13.34
C ILE A 116 -15.19 5.38 -13.44
N ASP A 117 -16.00 5.32 -14.51
CA ASP A 117 -17.16 6.21 -14.68
C ASP A 117 -17.93 6.28 -13.35
N GLN A 118 -18.20 7.50 -12.87
CA GLN A 118 -18.75 7.68 -11.52
C GLN A 118 -20.15 7.04 -11.34
N ARG A 119 -20.88 6.82 -12.43
CA ARG A 119 -22.22 6.24 -12.30
C ARG A 119 -22.18 4.79 -11.81
N VAL A 120 -21.04 4.11 -11.97
CA VAL A 120 -20.94 2.73 -11.47
C VAL A 120 -21.09 2.67 -9.96
N ALA A 121 -20.28 3.46 -9.24
CA ALA A 121 -20.39 3.56 -7.78
C ALA A 121 -21.73 4.15 -7.34
N ASP A 122 -22.19 5.18 -8.04
CA ASP A 122 -23.46 5.83 -7.66
C ASP A 122 -24.67 4.87 -7.79
N ASP A 123 -24.72 4.10 -8.88
CA ASP A 123 -25.77 3.08 -9.04
C ASP A 123 -25.65 1.98 -7.98
N ALA A 124 -24.43 1.49 -7.75
CA ALA A 124 -24.26 0.43 -6.77
C ALA A 124 -24.71 0.86 -5.37
N ALA A 125 -24.47 2.13 -5.02
CA ALA A 125 -24.81 2.66 -3.70
C ALA A 125 -26.32 2.68 -3.43
N THR A 126 -27.14 2.50 -4.47
CA THR A 126 -28.59 2.46 -4.26
C THR A 126 -29.07 1.08 -3.82
N ARG A 127 -28.17 0.08 -3.83
CA ARG A 127 -28.58 -1.28 -3.44
C ARG A 127 -27.60 -1.98 -2.49
N MET A 128 -26.44 -1.37 -2.24
CA MET A 128 -25.45 -1.94 -1.31
C MET A 128 -24.58 -0.83 -0.70
N ARG A 129 -23.75 -1.17 0.29
CA ARG A 129 -22.82 -0.21 0.86
C ARG A 129 -21.57 -0.08 0.00
N VAL A 130 -21.18 1.16 -0.29
CA VAL A 130 -20.02 1.46 -1.15
C VAL A 130 -19.01 2.34 -0.40
N ARG A 131 -17.73 2.00 -0.50
CA ARG A 131 -16.67 2.78 0.16
C ARG A 131 -15.51 3.12 -0.80
N GLU A 132 -15.42 4.38 -1.23
CA GLU A 132 -14.27 4.85 -2.01
C GLU A 132 -13.15 5.25 -1.04
N VAL A 133 -11.97 4.64 -1.14
CA VAL A 133 -10.92 4.86 -0.14
C VAL A 133 -9.52 5.04 -0.73
N SER A 134 -8.72 5.87 -0.06
CA SER A 134 -7.30 6.07 -0.40
C SER A 134 -6.41 5.39 0.65
N ILE A 135 -5.30 4.78 0.22
CA ILE A 135 -4.38 4.17 1.20
C ILE A 135 -3.18 5.05 1.58
N GLY A 136 -3.11 6.26 1.01
CA GLY A 136 -2.06 7.23 1.34
C GLY A 136 -1.99 8.33 0.32
N ASP A 137 -1.21 9.36 0.62
CA ASP A 137 -1.16 10.55 -0.24
C ASP A 137 -0.08 10.47 -1.29
N TYR A 138 -0.23 9.48 -2.17
CA TYR A 138 0.62 9.28 -3.33
C TYR A 138 -0.30 8.69 -4.40
N VAL A 139 0.13 8.77 -5.65
CA VAL A 139 -0.68 8.26 -6.77
C VAL A 139 -0.06 6.99 -7.37
N LEU A 140 -0.90 5.96 -7.54
CA LEU A 140 -0.49 4.70 -8.18
C LEU A 140 -1.00 4.66 -9.63
N ASN A 141 -0.58 3.66 -10.40
CA ASN A 141 -1.10 3.48 -11.78
C ASN A 141 -2.52 2.89 -11.80
N GLY A 142 -2.85 2.13 -10.76
CA GLY A 142 -4.14 1.48 -10.69
C GLY A 142 -4.39 0.96 -9.29
N GLY A 143 -5.57 0.37 -9.08
CA GLY A 143 -5.96 -0.04 -7.74
C GLY A 143 -5.39 -1.34 -7.19
N GLU A 144 -4.68 -2.11 -8.02
CA GLU A 144 -4.22 -3.45 -7.62
C GLU A 144 -3.31 -3.46 -6.39
N ALA A 145 -2.29 -2.59 -6.35
CA ALA A 145 -1.39 -2.58 -5.18
C ALA A 145 -2.12 -2.15 -3.91
N ALA A 146 -3.11 -1.26 -4.06
CA ALA A 146 -3.94 -0.86 -2.93
C ALA A 146 -4.81 -2.02 -2.45
N ALA A 147 -5.33 -2.83 -3.38
CA ALA A 147 -6.09 -4.02 -2.99
C ALA A 147 -5.24 -4.99 -2.16
N LEU A 148 -3.97 -5.18 -2.54
CA LEU A 148 -3.06 -6.06 -1.75
C LEU A 148 -2.89 -5.55 -0.32
N VAL A 149 -2.68 -4.24 -0.17
CA VAL A 149 -2.54 -3.63 1.15
C VAL A 149 -3.81 -3.78 2.00
N ILE A 150 -4.98 -3.47 1.44
CA ILE A 150 -6.26 -3.59 2.16
C ILE A 150 -6.53 -5.04 2.58
N ILE A 151 -6.33 -6.00 1.66
CA ILE A 151 -6.57 -7.41 2.00
C ILE A 151 -5.66 -7.86 3.15
N GLU A 152 -4.39 -7.50 3.11
CA GLU A 152 -3.47 -7.92 4.18
C GLU A 152 -3.84 -7.25 5.52
N ALA A 153 -4.11 -5.95 5.51
CA ALA A 153 -4.42 -5.23 6.76
C ALA A 153 -5.73 -5.72 7.41
N VAL A 154 -6.71 -6.11 6.59
CA VAL A 154 -7.98 -6.61 7.12
C VAL A 154 -7.87 -8.07 7.59
N LEU A 155 -7.31 -8.95 6.76
CA LEU A 155 -7.31 -10.38 7.12
C LEU A 155 -6.39 -10.73 8.30
N ARG A 156 -5.37 -9.91 8.56
CA ARG A 156 -4.50 -10.19 9.70
C ARG A 156 -5.24 -9.93 11.03
N LEU A 157 -6.41 -9.31 10.96
CA LEU A 157 -7.23 -9.06 12.16
C LEU A 157 -8.32 -10.12 12.34
N VAL A 158 -8.48 -11.02 11.37
CA VAL A 158 -9.42 -12.12 11.48
C VAL A 158 -8.70 -13.32 12.10
N PRO A 159 -9.18 -13.80 13.25
CA PRO A 159 -8.54 -14.87 14.02
C PRO A 159 -8.18 -16.11 13.21
N GLY A 160 -6.88 -16.37 13.06
CA GLY A 160 -6.40 -17.61 12.46
C GLY A 160 -6.25 -17.63 10.95
N VAL A 161 -6.45 -16.49 10.31
CA VAL A 161 -6.38 -16.42 8.86
C VAL A 161 -4.95 -16.19 8.38
N LEU A 162 -4.27 -15.20 8.97
CA LEU A 162 -2.89 -14.82 8.61
C LEU A 162 -2.81 -14.34 7.16
N SER A 179 -2.01 6.87 18.22
CA SER A 179 -1.57 7.46 19.48
C SER A 179 -0.09 7.82 19.44
N LEU A 180 0.76 6.87 19.81
CA LEU A 180 2.20 7.07 19.73
C LEU A 180 2.83 6.00 18.84
N LEU A 181 3.99 6.30 18.26
CA LEU A 181 4.75 5.35 17.45
C LEU A 181 5.51 4.33 18.31
N GLU A 182 5.70 3.12 17.78
CA GLU A 182 6.51 2.12 18.46
C GLU A 182 7.98 2.51 18.43
N GLY A 183 8.70 2.28 19.53
CA GLY A 183 10.13 2.53 19.57
C GLY A 183 10.97 1.37 19.03
N PRO A 184 12.30 1.47 19.17
CA PRO A 184 13.20 0.47 18.59
C PRO A 184 13.16 -0.90 19.27
N SER A 185 13.47 -1.94 18.50
CA SER A 185 13.55 -3.31 19.01
CA SER A 185 13.57 -3.28 19.05
C SER A 185 14.98 -3.84 18.87
N TYR A 186 15.36 -4.77 19.74
CA TYR A 186 16.70 -5.38 19.74
C TYR A 186 16.68 -6.87 20.05
N THR A 187 17.63 -7.63 19.49
CA THR A 187 17.86 -9.03 19.90
C THR A 187 19.37 -9.35 19.90
N ARG A 188 19.74 -10.63 20.05
CA ARG A 188 21.14 -11.01 20.13
C ARG A 188 21.88 -10.76 18.79
N PRO A 189 23.20 -10.47 18.85
CA PRO A 189 24.08 -10.43 20.02
C PRO A 189 24.02 -9.09 20.76
N PRO A 190 24.44 -9.07 22.04
CA PRO A 190 24.35 -7.86 22.85
C PRO A 190 25.25 -6.71 22.34
N SER A 191 26.32 -7.07 21.62
CA SER A 191 27.17 -6.06 20.97
CA SER A 191 27.20 -6.08 20.98
C SER A 191 27.42 -6.46 19.51
N TRP A 192 27.21 -5.50 18.60
CA TRP A 192 27.34 -5.77 17.17
C TRP A 192 27.83 -4.53 16.40
N ARG A 193 28.92 -4.68 15.67
CA ARG A 193 29.56 -3.59 14.92
C ARG A 193 29.70 -2.32 15.77
N GLY A 194 30.10 -2.50 17.02
CA GLY A 194 30.38 -1.37 17.89
C GLY A 194 29.16 -0.78 18.58
N MET A 195 27.99 -1.37 18.35
CA MET A 195 26.76 -0.86 18.94
C MET A 195 26.17 -1.84 19.96
N ASP A 196 26.03 -1.38 21.20
CA ASP A 196 25.47 -2.19 22.30
C ASP A 196 23.96 -2.02 22.43
N VAL A 197 23.27 -3.10 22.77
CA VAL A 197 21.86 -3.03 23.16
C VAL A 197 21.77 -2.15 24.40
N PRO A 198 20.78 -1.23 24.45
CA PRO A 198 20.66 -0.36 25.64
C PRO A 198 20.63 -1.16 26.94
N PRO A 199 21.59 -0.89 27.87
CA PRO A 199 21.70 -1.73 29.08
C PRO A 199 20.41 -1.85 29.91
N VAL A 200 19.55 -0.85 29.89
CA VAL A 200 18.29 -0.93 30.65
C VAL A 200 17.49 -2.19 30.26
N LEU A 201 17.58 -2.63 29.01
CA LEU A 201 16.78 -3.77 28.55
C LEU A 201 17.25 -5.08 29.16
N LEU A 202 18.49 -5.10 29.68
CA LEU A 202 19.05 -6.31 30.28
C LEU A 202 19.07 -6.22 31.80
N SER A 203 18.40 -5.20 32.35
CA SER A 203 18.48 -4.89 33.79
C SER A 203 17.58 -5.69 34.73
N GLY A 204 16.51 -6.28 34.21
CA GLY A 204 15.54 -6.94 35.06
C GLY A 204 14.66 -6.00 35.87
N ASP A 205 14.73 -4.71 35.57
CA ASP A 205 13.86 -3.71 36.22
C ASP A 205 12.72 -3.41 35.26
N HIS A 206 11.62 -4.15 35.36
CA HIS A 206 10.64 -4.10 34.27
C HIS A 206 9.77 -2.83 34.29
N ALA A 207 9.60 -2.19 35.45
CA ALA A 207 8.92 -0.89 35.49
C ALA A 207 9.78 0.18 34.82
N LYS A 208 11.09 0.13 35.06
CA LYS A 208 12.02 1.08 34.42
C LYS A 208 12.09 0.86 32.90
N ILE A 209 12.11 -0.39 32.48
CA ILE A 209 12.10 -0.71 31.05
C ILE A 209 10.86 -0.12 30.39
N ALA A 210 9.69 -0.24 31.04
CA ALA A 210 8.47 0.30 30.45
C ALA A 210 8.53 1.83 30.32
N ALA A 211 9.13 2.51 31.32
CA ALA A 211 9.25 3.97 31.25
C ALA A 211 10.25 4.40 30.17
N TRP A 212 11.32 3.64 30.00
CA TRP A 212 12.31 3.91 28.94
C TRP A 212 11.66 3.77 27.56
N ARG A 213 10.87 2.72 27.38
CA ARG A 213 10.18 2.51 26.10
C ARG A 213 9.15 3.62 25.81
N ALA A 214 8.47 4.09 26.84
CA ALA A 214 7.51 5.19 26.68
C ALA A 214 8.20 6.47 26.20
N GLU A 215 9.37 6.77 26.77
CA GLU A 215 10.11 7.97 26.38
C GLU A 215 10.68 7.83 24.96
N GLN A 216 11.12 6.61 24.58
CA GLN A 216 11.58 6.37 23.21
C GLN A 216 10.45 6.64 22.22
N SER A 217 9.26 6.15 22.58
CA SER A 217 8.06 6.36 21.78
CA SER A 217 8.08 6.36 21.75
C SER A 217 7.70 7.83 21.65
N ARG A 218 7.79 8.55 22.77
CA ARG A 218 7.48 9.98 22.76
C ARG A 218 8.44 10.75 21.85
N GLN A 219 9.73 10.45 21.95
CA GLN A 219 10.72 11.17 21.14
C GLN A 219 10.56 10.87 19.64
N ARG A 220 10.35 9.60 19.31
CA ARG A 220 10.18 9.20 17.91
C ARG A 220 8.94 9.86 17.29
N THR A 221 7.87 9.94 18.06
CA THR A 221 6.64 10.57 17.58
C THR A 221 6.84 12.09 17.33
N ILE A 222 7.51 12.79 18.25
CA ILE A 222 7.81 14.21 18.04
C ILE A 222 8.64 14.45 16.78
N GLU A 223 9.64 13.61 16.55
CA GLU A 223 10.54 13.76 15.40
C GLU A 223 9.90 13.38 14.05
N ARG A 224 9.14 12.29 14.02
CA ARG A 224 8.68 11.73 12.75
C ARG A 224 7.22 12.04 12.42
N ARG A 225 6.39 12.21 13.45
CA ARG A 225 4.95 12.39 13.28
C ARG A 225 4.35 13.41 14.25
N PRO A 226 4.80 14.67 14.18
CA PRO A 226 4.28 15.68 15.11
C PRO A 226 2.76 15.88 14.95
N ASP A 227 2.18 15.41 13.85
CA ASP A 227 0.73 15.52 13.64
C ASP A 227 -0.06 14.68 14.65
N LEU A 228 0.56 13.64 15.18
CA LEU A 228 -0.12 12.73 16.12
C LEU A 228 -0.21 13.33 17.51
N LEU A 229 0.42 14.48 17.70
CA LEU A 229 0.41 15.15 19.00
C LEU A 229 -0.36 16.46 18.92
N SER B 2 18.29 5.87 -15.78
CA SER B 2 18.53 4.49 -15.37
C SER B 2 18.46 4.35 -13.84
N MET B 3 17.55 3.51 -13.37
CA MET B 3 17.46 3.21 -11.93
C MET B 3 17.57 1.70 -11.70
N LYS B 4 18.27 1.35 -10.63
CA LYS B 4 18.31 -0.03 -10.14
C LYS B 4 17.61 -0.12 -8.81
N ILE B 5 16.72 -1.10 -8.65
CA ILE B 5 16.05 -1.36 -7.37
C ILE B 5 16.33 -2.80 -6.92
N ASP B 6 16.87 -2.95 -5.72
CA ASP B 6 17.05 -4.27 -5.10
C ASP B 6 16.08 -4.42 -3.92
N VAL B 7 15.35 -5.54 -3.85
CA VAL B 7 14.45 -5.79 -2.72
C VAL B 7 14.93 -7.01 -1.95
N VAL B 8 15.04 -6.91 -0.62
CA VAL B 8 15.52 -8.03 0.21
C VAL B 8 14.40 -8.47 1.15
N THR B 9 14.14 -9.79 1.18
CA THR B 9 12.93 -10.36 1.80
C THR B 9 13.10 -11.86 2.09
N ILE B 10 12.40 -12.37 3.11
CA ILE B 10 12.32 -13.82 3.30
C ILE B 10 11.17 -14.47 2.51
N PHE B 11 10.39 -13.65 1.81
CA PHE B 11 9.34 -14.13 0.92
C PHE B 11 9.47 -13.58 -0.51
N PRO B 12 10.54 -13.96 -1.23
CA PRO B 12 10.75 -13.45 -2.60
C PRO B 12 9.55 -13.70 -3.54
N GLU B 13 8.77 -14.73 -3.29
CA GLU B 13 7.62 -15.02 -4.17
C GLU B 13 6.53 -13.93 -4.13
N TYR B 14 6.43 -13.22 -3.01
CA TYR B 14 5.43 -12.15 -2.89
C TYR B 14 5.73 -10.95 -3.80
N LEU B 15 6.92 -10.89 -4.38
CA LEU B 15 7.33 -9.72 -5.16
C LEU B 15 7.13 -9.92 -6.66
N GLN B 16 6.57 -11.06 -7.04
CA GLN B 16 6.29 -11.36 -8.45
C GLN B 16 5.38 -10.36 -9.20
N PRO B 17 4.42 -9.70 -8.52
CA PRO B 17 3.59 -8.76 -9.30
C PRO B 17 4.37 -7.65 -10.02
N VAL B 18 5.63 -7.43 -9.64
CA VAL B 18 6.44 -6.43 -10.31
C VAL B 18 7.08 -7.01 -11.57
N ARG B 19 7.08 -8.34 -11.68
CA ARG B 19 7.68 -9.02 -12.83
C ARG B 19 7.01 -8.57 -14.13
N GLN B 20 5.68 -8.48 -14.10
CA GLN B 20 4.97 -7.81 -15.17
C GLN B 20 5.16 -6.31 -14.98
N SER B 21 5.94 -5.71 -15.88
CA SER B 21 6.43 -4.32 -15.75
C SER B 21 5.43 -3.33 -15.16
N LEU B 22 5.92 -2.49 -14.26
CA LEU B 22 5.11 -1.44 -13.65
C LEU B 22 4.99 -0.25 -14.59
N ILE B 27 10.30 -1.70 -16.91
CA ILE B 27 11.34 -2.73 -16.96
C ILE B 27 11.51 -3.26 -18.37
N ASP B 28 10.39 -3.44 -19.07
CA ASP B 28 10.38 -3.95 -20.43
C ASP B 28 11.10 -3.01 -21.37
N ALA B 29 11.09 -1.72 -21.04
CA ALA B 29 11.77 -0.71 -21.83
C ALA B 29 13.28 -0.73 -21.57
N GLY B 30 13.65 -0.89 -20.32
CA GLY B 30 15.06 -0.89 -19.94
C GLY B 30 15.45 0.36 -19.18
N LEU B 31 14.45 1.13 -18.76
CA LEU B 31 14.66 2.32 -17.97
C LEU B 31 15.13 1.93 -16.57
N VAL B 32 14.48 0.91 -16.01
CA VAL B 32 14.75 0.47 -14.65
C VAL B 32 14.99 -1.04 -14.61
N ASP B 33 15.80 -1.47 -13.65
CA ASP B 33 16.03 -2.89 -13.40
C ASP B 33 15.64 -3.19 -11.96
N VAL B 34 14.84 -4.24 -11.76
CA VAL B 34 14.41 -4.63 -10.41
C VAL B 34 14.82 -6.06 -10.10
N ALA B 35 15.47 -6.27 -8.96
CA ALA B 35 15.94 -7.59 -8.57
C ALA B 35 15.51 -7.93 -7.14
N VAL B 36 15.15 -9.19 -6.91
CA VAL B 36 14.64 -9.64 -5.61
C VAL B 36 15.55 -10.68 -5.00
N HIS B 37 15.94 -10.48 -3.74
CA HIS B 37 16.90 -11.34 -3.06
C HIS B 37 16.32 -12.00 -1.82
N ASP B 38 16.56 -13.30 -1.69
CA ASP B 38 16.16 -14.08 -0.52
C ASP B 38 17.16 -13.86 0.63
N LEU B 39 16.71 -13.22 1.72
CA LEU B 39 17.58 -12.96 2.88
C LEU B 39 18.27 -14.21 3.41
N ARG B 40 17.61 -15.36 3.32
CA ARG B 40 18.13 -16.59 3.93
C ARG B 40 19.39 -17.11 3.24
N ARG B 41 19.70 -16.54 2.08
CA ARG B 41 20.90 -16.91 1.36
C ARG B 41 22.17 -16.43 2.06
N TRP B 42 22.02 -15.50 3.00
CA TRP B 42 23.15 -14.98 3.77
C TRP B 42 23.27 -15.61 5.17
N THR B 43 22.52 -16.69 5.41
CA THR B 43 22.66 -17.44 6.66
C THR B 43 23.76 -18.50 6.55
N HIS B 44 24.04 -19.18 7.66
CA HIS B 44 25.13 -20.16 7.66
C HIS B 44 24.79 -21.45 8.42
N ASP B 45 23.76 -21.41 9.26
CA ASP B 45 23.30 -22.63 9.93
C ASP B 45 22.37 -23.44 9.04
N VAL B 46 22.11 -24.68 9.44
CA VAL B 46 21.31 -25.60 8.63
C VAL B 46 19.83 -25.22 8.63
N HIS B 47 19.39 -24.55 9.70
CA HIS B 47 17.98 -24.17 9.83
C HIS B 47 17.72 -22.77 9.27
N LYS B 48 18.79 -22.08 8.88
CA LYS B 48 18.70 -20.74 8.28
C LYS B 48 17.90 -19.76 9.16
N SER B 49 18.25 -19.69 10.44
CA SER B 49 17.52 -18.87 11.40
C SER B 49 17.77 -17.37 11.22
N VAL B 50 16.71 -16.60 11.01
CA VAL B 50 16.85 -15.16 10.84
C VAL B 50 16.27 -14.35 11.99
N ASP B 51 15.71 -15.03 13.00
CA ASP B 51 14.99 -14.34 14.07
C ASP B 51 15.34 -14.87 15.47
N ASP B 52 15.10 -14.06 16.50
CA ASP B 52 15.40 -14.41 17.89
C ASP B 52 14.46 -13.59 18.80
N SER B 53 14.31 -13.99 20.06
CA SER B 53 13.42 -13.27 20.98
C SER B 53 13.95 -11.87 21.35
N PRO B 54 13.04 -10.92 21.69
CA PRO B 54 13.45 -9.53 21.99
C PRO B 54 14.13 -9.34 23.34
N TYR B 55 15.16 -8.50 23.38
CA TYR B 55 15.68 -8.06 24.66
C TYR B 55 14.66 -7.15 25.32
N GLY B 56 14.52 -7.30 26.64
CA GLY B 56 13.65 -6.45 27.43
C GLY B 56 12.20 -6.88 27.48
N GLY B 57 11.88 -7.98 26.82
CA GLY B 57 10.51 -8.49 26.82
C GLY B 57 9.65 -8.01 25.65
N GLY B 58 8.48 -8.62 25.53
CA GLY B 58 7.57 -8.29 24.45
C GLY B 58 7.13 -9.53 23.70
N PRO B 59 6.06 -9.40 22.91
CA PRO B 59 5.56 -10.53 22.12
C PRO B 59 6.39 -10.76 20.87
N GLY B 60 6.37 -12.00 20.36
CA GLY B 60 6.94 -12.29 19.06
C GLY B 60 8.46 -12.35 19.00
N MET B 61 8.98 -12.16 17.79
CA MET B 61 10.40 -12.29 17.52
C MET B 61 10.93 -11.08 16.74
N VAL B 62 12.25 -10.88 16.79
CA VAL B 62 12.90 -9.76 16.11
C VAL B 62 13.93 -10.31 15.09
N MET B 63 14.04 -9.69 13.92
CA MET B 63 15.05 -10.16 12.97
C MET B 63 16.48 -9.78 13.44
N LYS B 64 17.38 -10.77 13.43
CA LYS B 64 18.79 -10.60 13.85
C LYS B 64 19.55 -9.60 12.98
N PRO B 65 20.41 -8.76 13.58
CA PRO B 65 21.19 -7.82 12.77
C PRO B 65 22.28 -8.51 11.93
N THR B 66 22.82 -9.62 12.38
CA THR B 66 23.97 -10.26 11.72
C THR B 66 23.69 -10.61 10.25
N VAL B 67 22.59 -11.31 10.00
CA VAL B 67 22.22 -11.72 8.64
C VAL B 67 21.95 -10.52 7.74
N TRP B 68 21.22 -9.53 8.27
CA TRP B 68 20.93 -8.32 7.52
C TRP B 68 22.22 -7.56 7.14
N GLY B 69 23.14 -7.45 8.08
CA GLY B 69 24.40 -6.75 7.86
C GLY B 69 25.20 -7.35 6.71
N ASP B 70 25.25 -8.68 6.65
CA ASP B 70 25.98 -9.35 5.58
C ASP B 70 25.31 -9.15 4.22
N ALA B 71 23.98 -9.20 4.20
CA ALA B 71 23.25 -9.00 2.95
C ALA B 71 23.47 -7.58 2.41
N LEU B 72 23.32 -6.58 3.27
CA LEU B 72 23.45 -5.18 2.85
C LEU B 72 24.88 -4.82 2.48
N ASP B 73 25.86 -5.44 3.15
CA ASP B 73 27.27 -5.30 2.78
C ASP B 73 27.52 -5.61 1.31
N GLU B 74 26.87 -6.68 0.83
CA GLU B 74 27.07 -7.15 -0.55
C GLU B 74 26.31 -6.32 -1.58
N ILE B 75 25.12 -5.85 -1.21
CA ILE B 75 24.20 -5.21 -2.14
C ILE B 75 24.35 -3.68 -2.22
N CYS B 76 24.67 -3.05 -1.10
CA CYS B 76 24.70 -1.59 -1.02
C CYS B 76 26.08 -0.98 -1.26
N THR B 77 26.09 0.26 -1.75
CA THR B 77 27.31 1.08 -1.79
C THR B 77 27.04 2.40 -1.07
N SER B 78 28.02 3.29 -1.03
CA SER B 78 27.83 4.58 -0.38
C SER B 78 26.81 5.48 -1.11
N GLU B 79 26.53 5.16 -2.38
CA GLU B 79 25.58 5.93 -3.18
C GLU B 79 24.12 5.49 -2.94
N THR B 80 23.94 4.31 -2.35
CA THR B 80 22.63 3.68 -2.15
C THR B 80 21.69 4.50 -1.27
N LEU B 81 20.40 4.56 -1.64
CA LEU B 81 19.37 5.00 -0.72
C LEU B 81 18.69 3.77 -0.13
N LEU B 82 18.92 3.51 1.16
CA LEU B 82 18.32 2.36 1.84
C LEU B 82 16.96 2.75 2.38
N VAL B 83 15.91 2.04 1.92
CA VAL B 83 14.53 2.31 2.27
C VAL B 83 13.99 1.19 3.17
N VAL B 84 13.43 1.55 4.33
CA VAL B 84 12.96 0.53 5.30
C VAL B 84 11.50 0.80 5.67
N PRO B 85 10.55 0.09 5.06
CA PRO B 85 9.14 0.28 5.47
C PRO B 85 8.86 -0.12 6.94
N THR B 86 8.08 0.69 7.65
CA THR B 86 7.76 0.42 9.07
C THR B 86 6.59 1.31 9.49
N PRO B 87 5.68 0.81 10.37
CA PRO B 87 4.59 1.68 10.83
C PRO B 87 5.08 2.91 11.60
N ALA B 88 6.32 2.86 12.11
CA ALA B 88 6.89 3.96 12.88
C ALA B 88 7.72 4.91 12.04
N GLY B 89 7.57 4.84 10.72
CA GLY B 89 8.43 5.65 9.83
C GLY B 89 7.95 7.07 9.57
N TYR B 90 8.83 7.88 8.95
CA TYR B 90 8.39 9.16 8.39
C TYR B 90 7.37 8.89 7.27
N PRO B 91 6.40 9.79 7.05
CA PRO B 91 5.40 9.50 6.00
C PRO B 91 5.99 9.48 4.56
N PHE B 92 5.65 8.45 3.80
CA PHE B 92 5.96 8.40 2.36
C PHE B 92 4.80 9.05 1.62
N THR B 93 5.07 10.16 0.92
CA THR B 93 4.05 10.93 0.20
C THR B 93 4.42 11.13 -1.27
N GLN B 94 3.56 11.81 -2.04
CA GLN B 94 3.88 12.13 -3.43
C GLN B 94 5.19 12.92 -3.56
N GLU B 95 5.45 13.81 -2.60
CA GLU B 95 6.71 14.55 -2.57
C GLU B 95 7.90 13.59 -2.47
N THR B 96 7.78 12.59 -1.60
CA THR B 96 8.83 11.58 -1.47
C THR B 96 9.04 10.84 -2.77
N ALA B 97 7.95 10.47 -3.44
CA ALA B 97 8.04 9.77 -4.71
C ALA B 97 8.80 10.59 -5.77
N TRP B 98 8.49 11.89 -5.87
CA TRP B 98 9.24 12.75 -6.79
C TRP B 98 10.73 12.80 -6.42
N GLN B 99 11.04 12.87 -5.13
CA GLN B 99 12.43 12.93 -4.69
C GLN B 99 13.19 11.66 -5.08
N TRP B 100 12.58 10.52 -4.85
CA TRP B 100 13.28 9.26 -5.07
C TRP B 100 13.33 8.89 -6.56
N SER B 101 12.49 9.52 -7.39
CA SER B 101 12.44 9.21 -8.83
C SER B 101 13.74 9.56 -9.59
N THR B 102 14.62 10.36 -9.00
CA THR B 102 15.87 10.67 -9.68
C THR B 102 17.09 9.99 -9.04
N GLU B 103 16.85 9.01 -8.16
CA GLU B 103 17.92 8.22 -7.55
C GLU B 103 18.46 7.16 -8.50
N ASP B 104 19.75 6.85 -8.36
CA ASP B 104 20.39 5.81 -9.15
C ASP B 104 20.15 4.40 -8.60
N HIS B 105 20.03 4.27 -7.28
CA HIS B 105 19.97 2.96 -6.63
C HIS B 105 19.14 2.97 -5.36
N LEU B 106 17.99 2.29 -5.39
CA LEU B 106 17.19 2.06 -4.19
C LEU B 106 17.37 0.62 -3.71
N VAL B 107 17.56 0.44 -2.41
CA VAL B 107 17.48 -0.89 -1.82
C VAL B 107 16.37 -0.91 -0.76
N ILE B 108 15.40 -1.82 -0.90
CA ILE B 108 14.26 -1.85 0.02
C ILE B 108 14.36 -3.09 0.92
N ALA B 109 14.52 -2.85 2.23
CA ALA B 109 14.65 -3.94 3.21
C ALA B 109 13.29 -4.27 3.83
N CYS B 110 12.76 -5.46 3.56
CA CYS B 110 11.42 -5.84 4.03
C CYS B 110 11.45 -6.62 5.33
N GLY B 111 10.83 -6.05 6.37
CA GLY B 111 10.70 -6.76 7.63
C GLY B 111 9.59 -7.81 7.67
N ARG B 112 9.78 -8.77 8.58
CA ARG B 112 8.75 -9.77 8.96
C ARG B 112 8.88 -9.96 10.48
N TYR B 113 8.11 -10.89 11.05
CA TYR B 113 8.03 -11.05 12.53
C TYR B 113 7.63 -9.70 13.14
N GLU B 114 8.21 -9.28 14.26
CA GLU B 114 7.84 -7.98 14.86
C GLU B 114 8.67 -6.81 14.33
N GLY B 115 9.64 -7.09 13.46
CA GLY B 115 10.48 -6.04 12.91
C GLY B 115 11.96 -6.40 12.87
N ILE B 116 12.80 -5.41 12.55
CA ILE B 116 14.24 -5.59 12.38
C ILE B 116 15.00 -4.90 13.51
N ASP B 117 15.99 -5.58 14.10
CA ASP B 117 16.90 -4.96 15.09
C ASP B 117 17.32 -3.56 14.64
N GLN B 118 17.15 -2.56 15.51
CA GLN B 118 17.38 -1.15 15.12
C GLN B 118 18.83 -0.86 14.69
N ARG B 119 19.77 -1.69 15.12
CA ARG B 119 21.17 -1.45 14.78
C ARG B 119 21.46 -1.65 13.28
N VAL B 120 20.58 -2.36 12.56
CA VAL B 120 20.76 -2.55 11.12
C VAL B 120 20.71 -1.20 10.39
N ALA B 121 19.65 -0.44 10.63
CA ALA B 121 19.51 0.90 10.05
C ALA B 121 20.58 1.84 10.59
N ASP B 122 20.89 1.75 11.88
CA ASP B 122 21.88 2.65 12.48
C ASP B 122 23.29 2.41 11.92
N ASP B 123 23.69 1.15 11.78
CA ASP B 123 24.98 0.81 11.16
C ASP B 123 25.03 1.27 9.70
N ALA B 124 23.93 1.05 8.96
CA ALA B 124 23.90 1.44 7.55
C ALA B 124 24.06 2.94 7.39
N ALA B 125 23.47 3.71 8.31
CA ALA B 125 23.53 5.17 8.22
C ALA B 125 24.94 5.75 8.38
N THR B 126 25.88 4.93 8.88
CA THR B 126 27.29 5.39 8.93
C THR B 126 27.99 5.31 7.57
N ARG B 127 27.35 4.70 6.57
CA ARG B 127 28.01 4.63 5.27
CA ARG B 127 27.95 4.47 5.25
C ARG B 127 27.13 5.04 4.10
N MET B 128 25.82 5.14 4.31
CA MET B 128 24.88 5.54 3.24
C MET B 128 23.69 6.30 3.81
N ARG B 129 22.82 6.83 2.94
CA ARG B 129 21.58 7.49 3.37
C ARG B 129 20.50 6.45 3.64
N VAL B 130 19.78 6.60 4.76
CA VAL B 130 18.76 5.63 5.18
C VAL B 130 17.43 6.34 5.42
N ARG B 131 16.33 5.75 4.95
CA ARG B 131 15.00 6.32 5.15
C ARG B 131 14.03 5.28 5.69
N GLU B 132 13.64 5.39 6.96
CA GLU B 132 12.55 4.59 7.52
C GLU B 132 11.23 5.28 7.20
N VAL B 133 10.32 4.60 6.49
CA VAL B 133 9.07 5.26 6.04
C VAL B 133 7.81 4.42 6.26
N SER B 134 6.71 5.13 6.49
CA SER B 134 5.37 4.51 6.58
C SER B 134 4.55 4.87 5.35
N ILE B 135 3.84 3.90 4.78
CA ILE B 135 2.98 4.21 3.63
C ILE B 135 1.52 4.54 4.02
N GLY B 136 1.21 4.53 5.32
CA GLY B 136 -0.16 4.84 5.76
C GLY B 136 -0.41 4.33 7.17
N ASP B 137 -1.47 4.84 7.82
CA ASP B 137 -1.70 4.53 9.24
C ASP B 137 -2.57 3.27 9.42
N TYR B 138 -2.01 2.16 8.97
CA TYR B 138 -2.57 0.81 9.15
C TYR B 138 -1.36 -0.11 9.29
N VAL B 139 -1.58 -1.31 9.84
CA VAL B 139 -0.45 -2.21 10.10
C VAL B 139 -0.51 -3.44 9.17
N LEU B 140 0.63 -3.75 8.54
CA LEU B 140 0.77 -4.94 7.70
C LEU B 140 1.49 -6.07 8.47
N ASN B 141 1.55 -7.26 7.89
CA ASN B 141 2.35 -8.35 8.48
C ASN B 141 3.83 -8.25 8.12
N GLY B 142 4.15 -7.54 7.04
CA GLY B 142 5.54 -7.38 6.63
C GLY B 142 5.71 -6.28 5.60
N GLY B 143 6.95 -6.01 5.22
CA GLY B 143 7.24 -4.88 4.33
C GLY B 143 7.00 -5.09 2.83
N GLU B 144 6.73 -6.33 2.41
CA GLU B 144 6.64 -6.64 0.99
C GLU B 144 5.55 -5.87 0.23
N ALA B 145 4.34 -5.77 0.80
CA ALA B 145 3.29 -5.01 0.10
C ALA B 145 3.61 -3.52 0.05
N ALA B 146 4.28 -3.01 1.08
CA ALA B 146 4.74 -1.62 1.07
C ALA B 146 5.82 -1.40 0.00
N ALA B 147 6.71 -2.36 -0.18
CA ALA B 147 7.71 -2.29 -1.24
C ALA B 147 7.04 -2.16 -2.62
N LEU B 148 6.00 -2.95 -2.88
CA LEU B 148 5.29 -2.87 -4.15
C LEU B 148 4.66 -1.48 -4.38
N VAL B 149 4.07 -0.92 -3.33
CA VAL B 149 3.46 0.41 -3.40
C VAL B 149 4.52 1.48 -3.71
N ILE B 150 5.64 1.43 -3.00
CA ILE B 150 6.72 2.40 -3.21
C ILE B 150 7.30 2.29 -4.63
N ILE B 151 7.59 1.06 -5.10
CA ILE B 151 8.09 0.88 -6.47
C ILE B 151 7.15 1.44 -7.53
N GLU B 152 5.86 1.16 -7.39
CA GLU B 152 4.89 1.67 -8.36
C GLU B 152 4.83 3.20 -8.35
N ALA B 153 4.76 3.81 -7.17
CA ALA B 153 4.61 5.26 -7.05
C ALA B 153 5.84 5.99 -7.59
N VAL B 154 7.02 5.39 -7.40
CA VAL B 154 8.27 6.02 -7.85
C VAL B 154 8.51 5.83 -9.34
N LEU B 155 8.35 4.60 -9.83
CA LEU B 155 8.73 4.31 -11.21
C LEU B 155 7.87 5.06 -12.23
N ARG B 156 6.63 5.38 -11.89
CA ARG B 156 5.76 6.09 -12.85
C ARG B 156 6.19 7.56 -13.05
N LEU B 157 7.10 8.04 -12.20
CA LEU B 157 7.59 9.41 -12.29
C LEU B 157 8.97 9.52 -12.98
N VAL B 158 9.62 8.39 -13.22
CA VAL B 158 10.97 8.41 -13.78
C VAL B 158 10.94 9.01 -15.19
N PRO B 159 11.88 9.92 -15.49
CA PRO B 159 11.93 10.53 -16.82
C PRO B 159 12.17 9.44 -17.87
N GLY B 160 11.26 9.31 -18.82
CA GLY B 160 11.31 8.22 -19.77
C GLY B 160 10.02 7.41 -19.74
N VAL B 161 9.49 7.24 -18.52
CA VAL B 161 8.14 6.73 -18.36
C VAL B 161 7.21 7.94 -18.27
N LEU B 162 7.75 9.10 -18.64
CA LEU B 162 7.07 10.38 -18.54
C LEU B 162 5.72 10.39 -19.25
N SER B 179 -2.77 18.97 -1.95
CA SER B 179 -3.42 19.90 -2.88
C SER B 179 -4.94 19.74 -2.82
N LEU B 180 -5.50 19.19 -3.90
CA LEU B 180 -6.94 18.94 -3.98
C LEU B 180 -7.19 17.56 -4.57
N LEU B 181 -8.37 17.00 -4.30
CA LEU B 181 -8.75 15.70 -4.85
C LEU B 181 -9.34 15.84 -6.24
N GLU B 182 -9.09 14.86 -7.11
CA GLU B 182 -9.71 14.83 -8.42
C GLU B 182 -11.21 14.58 -8.31
N GLY B 183 -11.99 15.24 -9.15
CA GLY B 183 -13.42 15.04 -9.15
C GLY B 183 -13.81 13.85 -10.02
N PRO B 184 -15.10 13.64 -10.20
CA PRO B 184 -15.60 12.47 -10.95
C PRO B 184 -15.33 12.54 -12.46
N SER B 185 -15.23 11.37 -13.09
CA SER B 185 -15.03 11.22 -14.55
CA SER B 185 -15.08 11.30 -14.54
C SER B 185 -16.17 10.43 -15.17
N TYR B 186 -16.43 10.66 -16.46
CA TYR B 186 -17.50 9.98 -17.19
C TYR B 186 -17.09 9.65 -18.62
N THR B 187 -17.73 8.63 -19.20
CA THR B 187 -17.59 8.32 -20.63
C THR B 187 -18.91 7.77 -21.19
N ARG B 188 -18.90 7.28 -22.43
CA ARG B 188 -20.15 6.88 -23.12
C ARG B 188 -20.80 5.62 -22.52
N PRO B 189 -22.14 5.52 -22.59
CA PRO B 189 -23.17 6.38 -23.19
C PRO B 189 -23.59 7.56 -22.30
N PRO B 190 -24.16 8.62 -22.91
CA PRO B 190 -24.52 9.82 -22.13
C PRO B 190 -25.65 9.56 -21.10
N SER B 191 -26.48 8.55 -21.34
CA SER B 191 -27.47 8.11 -20.36
CA SER B 191 -27.46 8.10 -20.36
C SER B 191 -27.31 6.60 -20.13
N TRP B 192 -27.23 6.18 -18.87
CA TRP B 192 -27.03 4.77 -18.51
C TRP B 192 -27.82 4.40 -17.26
N ARG B 193 -28.70 3.40 -17.37
CA ARG B 193 -29.61 3.02 -16.29
C ARG B 193 -30.40 4.23 -15.76
N GLY B 194 -30.74 5.16 -16.64
CA GLY B 194 -31.49 6.34 -16.23
C GLY B 194 -30.66 7.39 -15.50
N MET B 195 -29.34 7.25 -15.53
CA MET B 195 -28.40 8.21 -14.93
C MET B 195 -27.65 9.00 -16.02
N ASP B 196 -27.75 10.33 -16.00
CA ASP B 196 -27.16 11.17 -17.03
C ASP B 196 -25.76 11.71 -16.67
N VAL B 197 -24.88 11.75 -17.66
CA VAL B 197 -23.64 12.51 -17.52
C VAL B 197 -24.01 13.98 -17.33
N PRO B 198 -23.34 14.68 -16.39
CA PRO B 198 -23.60 16.11 -16.20
C PRO B 198 -23.57 16.88 -17.53
N PRO B 199 -24.67 17.59 -17.85
CA PRO B 199 -24.85 18.26 -19.15
C PRO B 199 -23.72 19.23 -19.51
N VAL B 200 -23.11 19.89 -18.54
CA VAL B 200 -22.02 20.82 -18.82
C VAL B 200 -20.88 20.09 -19.54
N LEU B 201 -20.67 18.82 -19.22
CA LEU B 201 -19.59 18.04 -19.81
C LEU B 201 -19.83 17.72 -21.28
N LEU B 202 -21.08 17.84 -21.73
CA LEU B 202 -21.42 17.62 -23.13
C LEU B 202 -21.53 18.94 -23.90
N SER B 203 -21.35 20.06 -23.20
CA SER B 203 -21.65 21.39 -23.77
C SER B 203 -20.55 21.93 -24.67
N GLY B 204 -19.33 21.43 -24.50
CA GLY B 204 -18.20 21.89 -25.29
C GLY B 204 -17.68 23.25 -24.86
N ASP B 205 -18.20 23.76 -23.73
CA ASP B 205 -17.77 25.06 -23.22
C ASP B 205 -16.63 24.86 -22.22
N HIS B 206 -15.40 25.09 -22.68
CA HIS B 206 -14.20 24.84 -21.88
C HIS B 206 -14.20 25.58 -20.55
N ALA B 207 -14.60 26.85 -20.56
CA ALA B 207 -14.59 27.66 -19.36
C ALA B 207 -15.59 27.15 -18.32
N LYS B 208 -16.78 26.79 -18.77
CA LYS B 208 -17.80 26.26 -17.87
C LYS B 208 -17.41 24.87 -17.35
N ILE B 209 -16.76 24.06 -18.19
CA ILE B 209 -16.33 22.73 -17.79
C ILE B 209 -15.21 22.82 -16.74
N ALA B 210 -14.26 23.72 -16.97
CA ALA B 210 -13.16 23.92 -16.03
C ALA B 210 -13.69 24.36 -14.66
N ALA B 211 -14.68 25.25 -14.69
CA ALA B 211 -15.26 25.78 -13.45
C ALA B 211 -16.05 24.72 -12.69
N TRP B 212 -16.82 23.92 -13.42
CA TRP B 212 -17.58 22.83 -12.81
C TRP B 212 -16.65 21.80 -12.17
N ARG B 213 -15.56 21.48 -12.87
CA ARG B 213 -14.61 20.49 -12.37
C ARG B 213 -13.86 21.03 -11.15
N ALA B 214 -13.56 22.32 -11.15
CA ALA B 214 -12.87 22.93 -10.02
C ALA B 214 -13.76 22.87 -8.78
N GLU B 215 -15.05 23.08 -8.99
CA GLU B 215 -16.02 23.07 -7.90
C GLU B 215 -16.32 21.66 -7.38
N GLN B 216 -16.33 20.67 -8.26
CA GLN B 216 -16.53 19.29 -7.82
C GLN B 216 -15.36 18.84 -6.95
N SER B 217 -14.16 19.22 -7.36
CA SER B 217 -12.92 18.90 -6.65
CA SER B 217 -12.94 18.86 -6.64
C SER B 217 -12.89 19.51 -5.25
N ARG B 218 -13.23 20.79 -5.16
CA ARG B 218 -13.18 21.43 -3.86
C ARG B 218 -14.28 20.88 -2.96
N GLN B 219 -15.44 20.55 -3.53
CA GLN B 219 -16.52 19.92 -2.79
C GLN B 219 -16.15 18.51 -2.26
N ARG B 220 -15.52 17.71 -3.10
CA ARG B 220 -15.04 16.38 -2.69
C ARG B 220 -13.96 16.47 -1.61
N THR B 221 -13.12 17.50 -1.71
CA THR B 221 -11.99 17.64 -0.79
C THR B 221 -12.49 18.01 0.62
N ILE B 222 -13.44 18.94 0.70
CA ILE B 222 -13.92 19.35 2.02
C ILE B 222 -14.69 18.19 2.69
N GLU B 223 -15.36 17.34 1.89
CA GLU B 223 -16.10 16.21 2.41
C GLU B 223 -15.22 15.03 2.85
N ARG B 224 -14.24 14.69 2.03
CA ARG B 224 -13.43 13.48 2.24
C ARG B 224 -12.08 13.71 2.90
N ARG B 225 -11.47 14.86 2.61
CA ARG B 225 -10.13 15.18 3.12
C ARG B 225 -10.01 16.63 3.60
N PRO B 226 -10.78 17.01 4.63
CA PRO B 226 -10.74 18.42 5.08
C PRO B 226 -9.35 18.85 5.55
N ASP B 227 -8.51 17.89 5.95
CA ASP B 227 -7.14 18.20 6.38
C ASP B 227 -6.33 18.88 5.27
N LEU B 228 -6.61 18.53 4.01
CA LEU B 228 -5.84 19.07 2.89
C LEU B 228 -6.06 20.57 2.70
N LEU B 229 -7.18 21.08 3.21
CA LEU B 229 -7.49 22.51 3.13
C LEU B 229 -7.35 23.24 4.47
N GLY B 230 -6.74 22.58 5.45
CA GLY B 230 -6.46 23.17 6.75
C GLY B 230 -7.63 23.15 7.72
N PHE B 231 -8.49 22.14 7.62
CA PHE B 231 -9.58 21.98 8.57
C PHE B 231 -9.42 20.72 9.43
N ASP B 232 -10.18 20.66 10.52
CA ASP B 232 -10.07 19.56 11.50
C ASP B 232 -10.51 18.21 10.96
N SER B 233 -10.13 17.16 11.68
CA SER B 233 -10.47 15.77 11.38
C SER B 233 -9.91 15.34 10.04
#